data_5MAG
#
_entry.id   5MAG
#
_cell.length_a   61.180
_cell.length_b   62.810
_cell.length_c   94.110
_cell.angle_alpha   90.00
_cell.angle_beta   90.00
_cell.angle_gamma   90.00
#
_symmetry.space_group_name_H-M   'P 21 21 21'
#
loop_
_entity.id
_entity.type
_entity.pdbx_description
1 polymer 'Maternal embryonic leucine zipper kinase'
2 non-polymer PF-3758309
3 non-polymer 'DIMETHYL SULFOXIDE'
4 non-polymer GLYCEROL
5 water water
#
_entity_poly.entity_id   1
_entity_poly.type   'polypeptide(L)'
_entity_poly.pdbx_seq_one_letter_code
;GPKDYDELLKYYELHETIGTGGFAKVKLACHILTGEMVAIKIMDKNTLGSDLPRIKTEIEALKNLRHQHICQLYHVLETA
NKIFMVLEYCPGGELFDYIISQDRLSEEETRVVFRQIVSAVAYVHSQGYAHRDLKPENLLFDEYHKLKLIDFGLCAKPKG
NKDYHLQTCCGSLAYAAPELIQGKSYLGSEADVWSMGILLYVLMCGFLPFDDDNVMALYKKIMRGKYDVPKWLSPSSILL
LQQMLQVDPKKRISMKNLLNHPWIMQDYNYPVEWQSKNPFIHLDDDCVTELSVHHRNNRQTMEDLISLWQYDHLTATYLL
LLAKKARGKPVRLRLSSFSCGHHHHHH
;
_entity_poly.pdbx_strand_id   A
#
# COMPACT_ATOMS: atom_id res chain seq x y z
N ASP A 4 -20.98 12.86 -15.74
CA ASP A 4 -19.83 11.94 -15.41
C ASP A 4 -19.91 11.29 -14.04
N TYR A 5 -20.42 12.02 -13.05
CA TYR A 5 -20.62 11.47 -11.69
C TYR A 5 -21.95 10.68 -11.53
N ASP A 6 -22.51 10.19 -12.63
CA ASP A 6 -23.91 9.76 -12.70
C ASP A 6 -24.04 8.32 -12.25
N GLU A 7 -23.25 7.44 -12.86
CA GLU A 7 -23.16 6.03 -12.47
C GLU A 7 -22.70 5.88 -11.02
N LEU A 8 -21.66 6.62 -10.67
CA LEU A 8 -21.06 6.57 -9.32
C LEU A 8 -22.04 6.88 -8.20
N LEU A 9 -22.93 7.84 -8.44
CA LEU A 9 -23.88 8.28 -7.42
C LEU A 9 -25.05 7.32 -7.19
N LYS A 10 -25.19 6.28 -8.00
CA LYS A 10 -26.05 5.16 -7.65
C LYS A 10 -25.54 4.45 -6.40
N TYR A 11 -24.21 4.36 -6.28
CA TYR A 11 -23.56 3.55 -5.28
C TYR A 11 -22.98 4.29 -4.06
N TYR A 12 -22.56 5.55 -4.23
CA TYR A 12 -21.86 6.29 -3.16
C TYR A 12 -22.41 7.69 -2.97
N GLU A 13 -22.46 8.13 -1.71
CA GLU A 13 -22.69 9.54 -1.36
C GLU A 13 -21.35 10.28 -1.39
N LEU A 14 -21.14 11.16 -2.37
CA LEU A 14 -19.93 11.98 -2.44
C LEU A 14 -19.92 13.06 -1.37
N HIS A 15 -18.77 13.22 -0.74
CA HIS A 15 -18.54 14.21 0.30
C HIS A 15 -17.42 15.15 -0.23
N GLU A 16 -16.76 15.88 0.66
CA GLU A 16 -15.56 16.69 0.36
C GLU A 16 -14.43 15.98 -0.43
N THR A 17 -13.82 16.71 -1.38
CA THR A 17 -12.55 16.34 -2.01
C THR A 17 -11.42 16.62 -1.03
N ILE A 18 -10.62 15.60 -0.69
CA ILE A 18 -9.60 15.70 0.39
C ILE A 18 -8.14 15.66 -0.10
N GLY A 19 -7.95 15.63 -1.41
CA GLY A 19 -6.63 15.68 -1.98
C GLY A 19 -6.73 15.91 -3.47
N THR A 20 -5.81 16.69 -4.00
CA THR A 20 -5.79 16.98 -5.43
C THR A 20 -4.33 17.09 -5.89
N GLY A 21 -3.98 16.30 -6.91
CA GLY A 21 -2.61 16.23 -7.44
C GLY A 21 -2.63 16.45 -8.92
N GLY A 22 -1.52 16.13 -9.58
CA GLY A 22 -1.41 16.32 -11.03
C GLY A 22 -2.21 15.28 -11.77
N ALA A 24 -4.40 13.07 -10.58
CA ALA A 24 -5.69 12.64 -10.01
C ALA A 24 -6.13 13.46 -8.79
N LYS A 25 -7.38 13.25 -8.38
CA LYS A 25 -7.89 13.78 -7.10
C LYS A 25 -8.64 12.70 -6.30
N VAL A 26 -8.84 12.99 -5.02
CA VAL A 26 -9.39 12.05 -4.08
C VAL A 26 -10.61 12.66 -3.43
N LYS A 27 -11.72 11.90 -3.47
CA LYS A 27 -12.97 12.27 -2.79
C LYS A 27 -13.34 11.24 -1.73
N LEU A 28 -13.60 11.72 -0.51
CA LEU A 28 -14.25 10.94 0.53
C LEU A 28 -15.69 10.66 0.13
N ALA A 29 -16.21 9.51 0.55
CA ALA A 29 -17.55 9.06 0.16
C ALA A 29 -18.08 7.97 1.07
N CYS A 30 -19.40 7.80 1.07
CA CYS A 30 -20.06 6.73 1.84
C CYS A 30 -20.68 5.75 0.86
N HIS A 31 -20.45 4.47 1.10
CA HIS A 31 -21.00 3.40 0.26
C HIS A 31 -22.39 3.11 0.80
N ILE A 32 -23.41 3.36 -0.02
CA ILE A 32 -24.79 3.41 0.47
C ILE A 32 -25.30 2.09 1.05
N LEU A 33 -25.08 0.98 0.33
CA LEU A 33 -25.54 -0.34 0.81
C LEU A 33 -24.98 -0.80 2.15
N THR A 34 -23.76 -0.42 2.49
CA THR A 34 -23.11 -0.88 3.74
C THR A 34 -22.94 0.22 4.79
N GLY A 35 -23.02 1.47 4.36
CA GLY A 35 -22.68 2.59 5.23
C GLY A 35 -21.22 2.76 5.62
N GLU A 36 -20.29 2.11 4.90
CA GLU A 36 -18.84 2.25 5.16
C GLU A 36 -18.26 3.43 4.40
N MET A 37 -17.34 4.15 5.04
CA MET A 37 -16.62 5.23 4.37
C MET A 37 -15.62 4.62 3.40
N VAL A 38 -15.46 5.26 2.25
CA VAL A 38 -14.45 4.87 1.27
C VAL A 38 -13.79 6.12 0.70
N ALA A 39 -12.71 5.90 -0.06
CA ALA A 39 -11.94 6.97 -0.67
C ALA A 39 -11.81 6.71 -2.15
N ILE A 40 -12.39 7.59 -2.96
CA ILE A 40 -12.48 7.41 -4.39
C ILE A 40 -11.45 8.27 -5.08
N LYS A 41 -10.52 7.63 -5.78
CA LYS A 41 -9.51 8.32 -6.57
C LYS A 41 -10.12 8.51 -7.97
N ILE A 42 -10.11 9.76 -8.44
CA ILE A 42 -10.76 10.17 -9.71
C ILE A 42 -9.74 10.72 -10.71
N MET A 43 -9.71 10.15 -11.91
CA MET A 43 -8.79 10.55 -12.97
C MET A 43 -9.59 11.03 -14.19
N ASP A 44 -9.17 12.16 -14.75
CA ASP A 44 -9.66 12.64 -16.04
C ASP A 44 -8.88 11.93 -17.15
N LYS A 45 -9.60 11.39 -18.15
CA LYS A 45 -8.97 10.68 -19.29
C LYS A 45 -8.49 11.58 -20.44
N ASN A 46 -8.98 12.82 -20.51
CA ASN A 46 -8.56 13.76 -21.56
C ASN A 46 -7.21 14.42 -21.25
N THR A 47 -7.00 14.77 -19.97
CA THR A 47 -5.72 15.33 -19.51
C THR A 47 -4.81 14.23 -18.93
N LEU A 48 -4.43 13.28 -19.78
CA LEU A 48 -3.66 12.09 -19.36
C LEU A 48 -3.15 11.32 -20.58
N ASP A 51 0.94 9.02 -19.20
CA ASP A 51 0.23 9.19 -17.92
C ASP A 51 -0.91 8.17 -17.69
N LEU A 52 -1.63 7.81 -18.77
CA LEU A 52 -2.75 6.86 -18.70
C LEU A 52 -2.40 5.43 -18.29
N PRO A 53 -1.41 4.79 -18.95
CA PRO A 53 -1.14 3.37 -18.63
C PRO A 53 -0.54 3.16 -17.21
N ARG A 54 -0.15 4.25 -16.57
CA ARG A 54 0.15 4.26 -15.14
C ARG A 54 -1.09 3.84 -14.30
N ILE A 55 -2.26 4.37 -14.65
CA ILE A 55 -3.51 4.02 -13.98
C ILE A 55 -3.91 2.57 -14.27
N LYS A 56 -3.66 2.13 -15.49
CA LYS A 56 -3.99 0.76 -15.90
C LYS A 56 -3.11 -0.26 -15.17
N THR A 57 -1.82 0.07 -14.99
CA THR A 57 -0.87 -0.75 -14.24
C THR A 57 -1.34 -0.96 -12.81
N GLU A 58 -1.75 0.13 -12.18
CA GLU A 58 -2.20 0.15 -10.80
C GLU A 58 -3.46 -0.68 -10.60
N ILE A 59 -4.41 -0.53 -11.50
CA ILE A 59 -5.67 -1.25 -11.39
C ILE A 59 -5.39 -2.74 -11.50
N GLU A 60 -4.60 -3.14 -12.48
CA GLU A 60 -4.35 -4.57 -12.69
C GLU A 60 -3.50 -5.14 -11.54
N ALA A 61 -2.64 -4.31 -10.94
CA ALA A 61 -1.89 -4.72 -9.76
C ALA A 61 -2.82 -4.92 -8.56
N LEU A 62 -3.68 -3.93 -8.31
CA LEU A 62 -4.59 -3.96 -7.16
C LEU A 62 -5.73 -4.95 -7.30
N LYS A 63 -6.07 -5.28 -8.54
CA LYS A 63 -6.97 -6.42 -8.77
C LYS A 63 -6.37 -7.77 -8.32
N ASN A 64 -5.05 -7.94 -8.47
CA ASN A 64 -4.36 -9.23 -8.15
C ASN A 64 -3.69 -9.29 -6.79
N LEU A 65 -3.61 -8.15 -6.10
CA LEU A 65 -2.98 -8.07 -4.79
C LEU A 65 -4.06 -7.83 -3.74
N ARG A 66 -3.96 -8.58 -2.65
CA ARG A 66 -4.90 -8.47 -1.55
C ARG A 66 -4.20 -8.86 -0.26
N HIS A 67 -4.12 -7.92 0.66
CA HIS A 67 -3.26 -8.06 1.83
C HIS A 67 -3.73 -7.12 2.92
N GLN A 68 -3.53 -7.55 4.16
CA GLN A 68 -3.78 -6.76 5.37
C GLN A 68 -3.01 -5.43 5.48
N HIS A 69 -1.94 -5.25 4.70
CA HIS A 69 -1.15 -4.01 4.64
C HIS A 69 -1.08 -3.40 3.23
N ILE A 70 -2.00 -3.77 2.35
CA ILE A 70 -2.16 -3.10 1.08
C ILE A 70 -3.54 -2.46 1.07
N CYS A 71 -3.56 -1.16 0.78
CA CYS A 71 -4.82 -0.42 0.66
C CYS A 71 -5.67 -1.08 -0.42
N GLN A 72 -6.88 -1.46 -0.05
CA GLN A 72 -7.70 -2.37 -0.84
C GLN A 72 -8.53 -1.65 -1.90
N LEU A 73 -8.55 -2.22 -3.09
CA LEU A 73 -9.43 -1.75 -4.16
C LEU A 73 -10.76 -2.51 -4.08
N TYR A 74 -11.86 -1.76 -4.14
CA TYR A 74 -13.21 -2.27 -4.03
C TYR A 74 -13.96 -2.28 -5.38
N HIS A 75 -13.81 -1.20 -6.16
CA HIS A 75 -14.68 -0.91 -7.30
C HIS A 75 -13.90 -0.09 -8.34
N VAL A 76 -13.91 -0.52 -9.59
CA VAL A 76 -13.42 0.27 -10.71
C VAL A 76 -14.59 0.62 -11.61
N LEU A 77 -14.78 1.91 -11.87
CA LEU A 77 -15.75 2.40 -12.86
C LEU A 77 -15.07 3.26 -13.91
N GLU A 78 -15.63 3.25 -15.12
CA GLU A 78 -15.12 4.05 -16.21
C GLU A 78 -16.24 4.63 -17.07
N THR A 79 -16.38 5.97 -17.04
CA THR A 79 -17.15 6.71 -18.06
C THR A 79 -16.26 6.96 -19.29
N ALA A 80 -16.83 7.57 -20.31
CA ALA A 80 -16.10 7.87 -21.54
C ALA A 80 -14.94 8.86 -21.34
N ASN A 81 -15.03 9.70 -20.29
CA ASN A 81 -13.93 10.64 -19.96
C ASN A 81 -13.35 10.57 -18.53
N LYS A 82 -13.81 9.64 -17.69
CA LYS A 82 -13.25 9.53 -16.33
C LYS A 82 -13.07 8.08 -15.85
N ILE A 83 -12.19 7.92 -14.86
CA ILE A 83 -11.94 6.61 -14.22
C ILE A 83 -12.02 6.78 -12.72
N PHE A 84 -12.79 5.91 -12.08
CA PHE A 84 -12.97 5.95 -10.63
C PHE A 84 -12.42 4.66 -10.05
N MET A 85 -11.55 4.82 -9.07
CA MET A 85 -11.06 3.71 -8.29
C MET A 85 -11.58 3.94 -6.89
N VAL A 86 -12.42 3.04 -6.40
CA VAL A 86 -12.93 3.13 -5.01
C VAL A 86 -12.02 2.29 -4.14
N LEU A 87 -11.39 2.93 -3.16
CA LEU A 87 -10.38 2.31 -2.33
C LEU A 87 -10.70 2.48 -0.88
N GLU A 88 -9.99 1.71 -0.06
CA GLU A 88 -10.06 1.82 1.39
C GLU A 88 -9.73 3.24 1.87
N TYR A 89 -10.53 3.74 2.81
CA TYR A 89 -10.29 5.02 3.47
C TYR A 89 -9.42 4.79 4.70
N CYS A 90 -8.20 5.32 4.60
CA CYS A 90 -7.25 5.44 5.69
C CYS A 90 -7.28 6.84 6.33
N PRO A 91 -7.92 6.97 7.51
CA PRO A 91 -8.05 8.27 8.19
C PRO A 91 -6.77 8.83 8.82
N GLY A 92 -5.80 7.97 9.15
CA GLY A 92 -4.60 8.39 9.87
C GLY A 92 -3.60 9.22 9.07
N GLY A 93 -3.76 9.29 7.75
CA GLY A 93 -2.85 10.06 6.90
C GLY A 93 -1.54 9.33 6.59
N GLU A 94 -0.66 10.05 5.90
CA GLU A 94 0.62 9.55 5.43
C GLU A 94 1.62 9.33 6.56
N LEU A 95 2.42 8.28 6.42
CA LEU A 95 3.57 8.01 7.30
C LEU A 95 4.55 9.20 7.31
N PHE A 96 4.81 9.79 6.15
CA PHE A 96 5.63 11.01 6.03
C PHE A 96 5.20 12.11 7.02
N ASP A 97 3.92 12.46 7.03
CA ASP A 97 3.39 13.49 7.93
C ASP A 97 3.56 13.09 9.40
N TYR A 98 3.35 11.81 9.69
CA TYR A 98 3.50 11.32 11.03
C TYR A 98 4.96 11.49 11.50
N ILE A 99 5.92 11.16 10.65
CA ILE A 99 7.34 11.33 10.99
C ILE A 99 7.66 12.79 11.24
N ILE A 100 7.17 13.69 10.38
CA ILE A 100 7.31 15.15 10.57
C ILE A 100 6.79 15.60 11.95
N SER A 101 5.64 15.08 12.37
CA SER A 101 5.04 15.47 13.66
C SER A 101 5.86 14.93 14.83
N GLN A 102 6.41 13.72 14.67
CA GLN A 102 7.24 13.07 15.70
C GLN A 102 8.73 13.44 15.70
N ASP A 103 9.19 14.19 14.68
CA ASP A 103 10.63 14.44 14.42
C ASP A 103 11.36 13.16 13.93
N ARG A 104 11.42 12.14 14.79
CA ARG A 104 11.87 10.80 14.39
C ARG A 104 11.28 9.77 15.37
N LEU A 105 11.18 8.53 14.92
CA LEU A 105 10.65 7.48 15.76
C LEU A 105 11.80 6.79 16.48
N SER A 106 11.52 6.33 17.70
CA SER A 106 12.45 5.54 18.47
C SER A 106 12.63 4.23 17.73
N GLU A 107 13.64 3.49 18.16
CA GLU A 107 13.94 2.20 17.52
C GLU A 107 12.76 1.24 17.65
N GLU A 108 12.16 1.15 18.83
CA GLU A 108 11.00 0.27 19.09
C GLU A 108 9.80 0.56 18.21
N GLU A 109 9.38 1.82 18.15
CA GLU A 109 8.25 2.20 17.31
C GLU A 109 8.61 2.06 15.82
N THR A 110 9.84 2.37 15.44
CA THR A 110 10.30 2.10 14.08
C THR A 110 10.15 0.63 13.72
N ARG A 111 10.51 -0.27 14.64
CA ARG A 111 10.40 -1.71 14.39
C ARG A 111 8.94 -2.08 14.16
N VAL A 112 8.04 -1.52 14.97
CA VAL A 112 6.61 -1.81 14.87
C VAL A 112 6.11 -1.45 13.46
N VAL A 113 6.46 -0.28 12.99
CA VAL A 113 5.95 0.17 11.68
C VAL A 113 6.66 -0.58 10.56
N PHE A 114 7.98 -0.77 10.70
CA PHE A 114 8.79 -1.34 9.65
C PHE A 114 8.38 -2.78 9.36
N ARG A 115 8.07 -3.56 10.38
CA ARG A 115 7.57 -4.93 10.15
C ARG A 115 6.35 -5.00 9.23
N GLN A 116 5.49 -3.98 9.32
CA GLN A 116 4.29 -3.88 8.47
C GLN A 116 4.65 -3.57 7.00
N ILE A 117 5.67 -2.74 6.80
CA ILE A 117 6.19 -2.42 5.48
C ILE A 117 6.78 -3.69 4.84
N VAL A 118 7.59 -4.41 5.60
CA VAL A 118 8.25 -5.61 5.12
C VAL A 118 7.23 -6.71 4.75
N SER A 119 6.20 -6.86 5.59
CA SER A 119 5.09 -7.76 5.36
C SER A 119 4.42 -7.51 4.00
N ALA A 120 4.08 -6.26 3.72
CA ALA A 120 3.45 -5.89 2.44
C ALA A 120 4.36 -6.12 1.24
N VAL A 121 5.59 -5.62 1.32
CA VAL A 121 6.55 -5.74 0.21
C VAL A 121 6.96 -7.22 -0.02
N ALA A 122 7.10 -8.00 1.05
CA ALA A 122 7.40 -9.43 0.88
C ALA A 122 6.26 -10.11 0.12
N TYR A 123 5.02 -9.80 0.52
CA TYR A 123 3.85 -10.29 -0.22
C TYR A 123 3.78 -9.85 -1.69
N VAL A 124 3.97 -8.56 -1.94
CA VAL A 124 3.98 -8.04 -3.31
C VAL A 124 5.00 -8.81 -4.14
N HIS A 125 6.18 -9.01 -3.58
CA HIS A 125 7.21 -9.81 -4.23
C HIS A 125 6.80 -11.29 -4.40
N SER A 126 6.13 -11.89 -3.42
CA SER A 126 5.70 -13.32 -3.57
C SER A 126 4.78 -13.55 -4.76
N GLN A 127 4.01 -12.51 -5.10
CA GLN A 127 3.08 -12.51 -6.22
C GLN A 127 3.74 -12.11 -7.54
N GLY A 128 5.03 -11.79 -7.53
CA GLY A 128 5.76 -11.44 -8.76
C GLY A 128 5.75 -9.98 -9.21
N TYR A 129 5.54 -9.06 -8.27
CA TYR A 129 5.60 -7.63 -8.58
C TYR A 129 6.76 -7.02 -7.81
N ALA A 130 7.24 -5.89 -8.30
CA ALA A 130 8.06 -4.98 -7.51
C ALA A 130 7.33 -3.65 -7.48
N HIS A 131 7.32 -2.98 -6.32
CA HIS A 131 6.56 -1.73 -6.15
C HIS A 131 7.22 -0.54 -6.88
N ARG A 132 8.52 -0.35 -6.60
CA ARG A 132 9.40 0.60 -7.32
C ARG A 132 9.27 2.08 -6.96
N ASP A 133 8.24 2.47 -6.21
CA ASP A 133 8.12 3.82 -5.65
C ASP A 133 7.79 3.78 -4.14
N LEU A 134 8.53 2.95 -3.41
CA LEU A 134 8.40 2.87 -1.97
C LEU A 134 8.95 4.11 -1.29
N LYS A 135 8.08 4.81 -0.56
CA LYS A 135 8.45 6.00 0.22
C LYS A 135 7.34 6.30 1.23
N PRO A 136 7.59 7.16 2.23
CA PRO A 136 6.60 7.32 3.32
C PRO A 136 5.26 7.98 2.95
N GLU A 137 5.26 8.79 1.89
CA GLU A 137 4.04 9.28 1.24
C GLU A 137 3.14 8.17 0.69
N ASN A 138 3.72 7.02 0.36
CA ASN A 138 2.95 5.90 -0.19
C ASN A 138 2.56 4.84 0.86
N LEU A 139 2.63 5.22 2.14
CA LEU A 139 2.13 4.41 3.25
C LEU A 139 1.19 5.21 4.12
N LEU A 140 -0.04 4.73 4.30
CA LEU A 140 -1.09 5.43 5.05
C LEU A 140 -1.51 4.65 6.30
N PHE A 141 -1.80 5.38 7.37
CA PHE A 141 -2.36 4.77 8.60
C PHE A 141 -3.86 4.57 8.48
N ASP A 142 -4.32 3.37 8.78
CA ASP A 142 -5.76 3.05 8.76
C ASP A 142 -6.44 3.38 10.10
N GLU A 143 -7.74 3.08 10.19
CA GLU A 143 -8.53 3.29 11.41
C GLU A 143 -8.01 2.62 12.67
N TYR A 144 -7.23 1.54 12.52
CA TYR A 144 -6.52 0.89 13.64
C TYR A 144 -5.04 1.32 13.80
N HIS A 145 -4.64 2.45 13.21
CA HIS A 145 -3.23 2.90 13.18
C HIS A 145 -2.25 1.84 12.66
N LYS A 146 -2.69 1.14 11.61
CA LYS A 146 -1.91 0.11 10.91
C LYS A 146 -1.61 0.63 9.53
N LEU A 147 -0.46 0.25 9.01
CA LEU A 147 0.03 0.75 7.72
C LEU A 147 -0.58 0.07 6.50
N LYS A 148 -0.74 0.86 5.45
CA LYS A 148 -1.32 0.40 4.20
C LYS A 148 -0.50 0.97 3.06
N LEU A 149 0.04 0.08 2.23
CA LEU A 149 0.80 0.44 1.06
C LEU A 149 -0.11 0.85 -0.10
N ILE A 150 0.20 1.99 -0.71
CA ILE A 150 -0.53 2.54 -1.87
C ILE A 150 0.40 2.86 -3.07
N ASP A 151 -0.24 3.24 -4.17
CA ASP A 151 0.39 3.80 -5.37
C ASP A 151 1.25 2.79 -6.15
N PHE A 152 0.55 1.90 -6.85
CA PHE A 152 1.16 0.81 -7.64
C PHE A 152 1.30 1.17 -9.13
N GLY A 153 1.29 2.46 -9.45
CA GLY A 153 1.39 2.95 -10.82
C GLY A 153 2.70 2.63 -11.53
N LEU A 154 3.81 2.73 -10.80
CA LEU A 154 5.13 2.40 -11.34
C LEU A 154 5.53 0.96 -11.04
N CYS A 155 4.61 0.11 -10.63
CA CYS A 155 4.97 -1.27 -10.27
C CYS A 155 5.22 -2.06 -11.55
N ALA A 156 5.89 -3.21 -11.44
CA ALA A 156 6.25 -4.02 -12.62
C ALA A 156 6.27 -5.52 -12.35
N LYS A 157 5.96 -6.31 -13.38
CA LYS A 157 6.27 -7.74 -13.43
C LYS A 157 7.57 -7.93 -14.21
N SER A 172 10.68 8.60 -7.18
CA SER A 172 11.41 9.55 -6.35
C SER A 172 12.87 9.15 -6.16
N LEU A 173 13.76 10.06 -6.58
CA LEU A 173 15.20 9.78 -6.67
C LEU A 173 15.84 9.42 -5.35
N ALA A 174 15.45 10.11 -4.28
CA ALA A 174 15.96 9.86 -2.94
C ALA A 174 15.72 8.43 -2.44
N TYR A 175 14.68 7.77 -2.96
CA TYR A 175 14.38 6.39 -2.63
C TYR A 175 14.77 5.34 -3.67
N ALA A 176 15.27 5.76 -4.82
CA ALA A 176 15.59 4.82 -5.90
C ALA A 176 16.98 4.18 -5.70
N ALA A 177 17.05 2.88 -5.92
CA ALA A 177 18.31 2.12 -5.83
C ALA A 177 19.25 2.49 -6.98
N PRO A 178 20.58 2.37 -6.77
CA PRO A 178 21.55 2.75 -7.81
C PRO A 178 21.39 1.99 -9.13
N GLU A 179 21.08 0.71 -9.05
CA GLU A 179 20.89 -0.11 -10.25
C GLU A 179 19.61 0.24 -11.01
N LEU A 180 18.58 0.68 -10.29
CA LEU A 180 17.32 1.11 -10.91
C LEU A 180 17.50 2.40 -11.70
N ILE A 181 18.32 3.30 -11.16
CA ILE A 181 18.61 4.57 -11.80
C ILE A 181 19.54 4.32 -13.01
N GLN A 182 20.54 3.43 -12.84
CA GLN A 182 21.44 3.02 -13.94
C GLN A 182 20.70 2.21 -15.04
N GLY A 183 19.47 1.75 -14.79
CA GLY A 183 18.65 1.08 -15.81
C GLY A 183 19.18 -0.26 -16.28
N LYS A 184 19.22 -1.25 -15.38
CA LYS A 184 19.76 -2.60 -15.66
C LYS A 184 18.70 -3.69 -15.48
N LEU A 187 15.86 -6.42 -12.21
CA LEU A 187 16.50 -6.58 -10.90
C LEU A 187 15.64 -5.95 -9.79
N GLY A 188 14.33 -6.18 -9.87
CA GLY A 188 13.34 -5.38 -9.16
C GLY A 188 13.17 -5.65 -7.68
N SER A 189 13.38 -6.90 -7.26
CA SER A 189 13.21 -7.26 -5.84
C SER A 189 14.25 -6.56 -4.96
N GLU A 190 15.48 -6.47 -5.45
CA GLU A 190 16.59 -5.89 -4.71
C GLU A 190 16.42 -4.37 -4.55
N ALA A 191 15.96 -3.70 -5.61
CA ALA A 191 15.72 -2.27 -5.55
C ALA A 191 14.70 -1.88 -4.46
N ASP A 192 13.66 -2.69 -4.28
CA ASP A 192 12.70 -2.48 -3.18
C ASP A 192 13.35 -2.58 -1.78
N VAL A 193 14.31 -3.49 -1.63
CA VAL A 193 15.08 -3.60 -0.38
C VAL A 193 15.89 -2.34 -0.14
N TRP A 194 16.54 -1.80 -1.17
CA TRP A 194 17.20 -0.50 -1.04
C TRP A 194 16.22 0.57 -0.58
N SER A 195 15.11 0.75 -1.27
CA SER A 195 14.10 1.75 -0.89
C SER A 195 13.64 1.59 0.56
N MET A 196 13.42 0.34 0.98
CA MET A 196 13.09 0.06 2.39
C MET A 196 14.18 0.48 3.38
N GLY A 197 15.44 0.30 2.97
CA GLY A 197 16.59 0.79 3.70
C GLY A 197 16.60 2.29 3.87
N ILE A 198 16.26 3.02 2.81
CA ILE A 198 16.15 4.48 2.88
C ILE A 198 15.05 4.88 3.85
N LEU A 199 13.91 4.22 3.68
CA LEU A 199 12.76 4.34 4.59
C LEU A 199 13.10 4.08 6.04
N LEU A 200 13.86 3.02 6.27
CA LEU A 200 14.27 2.67 7.63
C LEU A 200 15.07 3.82 8.23
N TYR A 201 16.03 4.33 7.47
CA TYR A 201 16.83 5.48 7.88
C TYR A 201 15.96 6.67 8.22
N VAL A 202 15.01 7.03 7.35
CA VAL A 202 14.17 8.20 7.58
C VAL A 202 13.31 8.08 8.85
N LEU A 203 12.80 6.89 9.12
CA LEU A 203 12.03 6.63 10.33
C LEU A 203 12.85 6.92 11.59
N MET A 204 14.08 6.42 11.64
CA MET A 204 14.93 6.58 12.83
C MET A 204 15.71 7.87 12.92
N CYS A 205 15.87 8.60 11.80
CA CYS A 205 16.60 9.87 11.78
C CYS A 205 15.77 11.12 11.53
N GLY A 206 14.70 11.02 10.76
CA GLY A 206 13.91 12.20 10.38
C GLY A 206 14.38 12.98 9.17
N PHE A 207 15.39 12.47 8.49
CA PHE A 207 15.90 13.07 7.26
C PHE A 207 16.47 11.97 6.40
N LEU A 208 16.80 12.31 5.18
CA LEU A 208 17.25 11.35 4.18
C LEU A 208 18.73 11.09 4.35
N PRO A 209 19.20 9.86 4.09
CA PRO A 209 20.63 9.58 4.09
C PRO A 209 21.39 10.13 2.88
N PHE A 210 20.71 10.34 1.76
CA PHE A 210 21.30 10.95 0.58
C PHE A 210 20.39 12.09 0.15
N ASP A 211 20.90 13.32 0.16
CA ASP A 211 20.11 14.44 -0.32
C ASP A 211 20.94 15.54 -0.92
N ASP A 212 20.33 16.23 -1.87
CA ASP A 212 20.92 17.38 -2.50
C ASP A 212 19.88 18.09 -3.36
N ASP A 213 19.94 19.43 -3.36
CA ASP A 213 19.15 20.28 -4.27
C ASP A 213 19.35 19.90 -5.75
N ASN A 214 20.59 19.57 -6.10
CA ASN A 214 20.99 19.23 -7.46
C ASN A 214 20.78 17.72 -7.72
N VAL A 215 19.92 17.43 -8.69
CA VAL A 215 19.49 16.06 -9.00
C VAL A 215 20.67 15.12 -9.34
N MET A 216 21.66 15.62 -10.10
CA MET A 216 22.84 14.84 -10.50
C MET A 216 23.85 14.63 -9.39
N ALA A 217 23.96 15.60 -8.48
CA ALA A 217 24.81 15.47 -7.29
C ALA A 217 24.24 14.45 -6.31
N LEU A 218 22.92 14.43 -6.19
CA LEU A 218 22.19 13.41 -5.43
C LEU A 218 22.41 12.02 -6.01
N TYR A 219 22.28 11.92 -7.32
CA TYR A 219 22.60 10.70 -8.08
C TYR A 219 24.01 10.22 -7.73
N LYS A 220 24.98 11.12 -7.81
CA LYS A 220 26.38 10.83 -7.48
CA LYS A 220 26.37 10.80 -7.48
C LYS A 220 26.51 10.32 -6.05
N LYS A 221 25.89 11.03 -5.09
CA LYS A 221 25.86 10.58 -3.68
C LYS A 221 25.31 9.17 -3.50
N ILE A 222 24.24 8.86 -4.22
CA ILE A 222 23.63 7.54 -4.17
C ILE A 222 24.59 6.44 -4.66
N MET A 223 25.25 6.71 -5.79
CA MET A 223 26.24 5.78 -6.37
C MET A 223 27.41 5.55 -5.44
N ARG A 224 27.86 6.60 -4.73
CA ARG A 224 28.91 6.42 -3.74
C ARG A 224 28.44 5.60 -2.55
N GLY A 225 27.19 5.76 -2.12
CA GLY A 225 26.63 4.94 -1.05
C GLY A 225 27.11 5.28 0.35
N LYS A 226 27.67 6.48 0.53
CA LYS A 226 28.19 6.96 1.81
C LYS A 226 27.18 7.88 2.45
N TYR A 227 26.94 7.68 3.74
CA TYR A 227 25.90 8.46 4.43
C TYR A 227 26.29 8.68 5.87
N ASP A 228 25.77 9.75 6.43
CA ASP A 228 26.00 10.08 7.82
C ASP A 228 25.24 9.06 8.70
N VAL A 229 25.83 8.69 9.83
CA VAL A 229 25.26 7.73 10.76
C VAL A 229 25.09 8.46 12.08
N PRO A 230 23.88 8.94 12.40
CA PRO A 230 23.74 9.72 13.65
C PRO A 230 24.05 8.96 14.93
N LYS A 231 24.41 9.72 15.96
CA LYS A 231 24.91 9.15 17.20
C LYS A 231 23.86 8.33 17.93
N TRP A 232 22.59 8.66 17.72
CA TRP A 232 21.51 7.99 18.43
C TRP A 232 21.13 6.60 17.87
N LEU A 233 21.75 6.14 16.78
CA LEU A 233 21.45 4.80 16.25
C LEU A 233 22.19 3.71 17.02
N SER A 234 21.48 2.62 17.33
CA SER A 234 22.08 1.48 18.00
C SER A 234 22.94 0.73 17.00
N PRO A 235 23.99 0.03 17.49
CA PRO A 235 24.83 -0.75 16.58
C PRO A 235 24.08 -1.75 15.70
N SER A 236 22.99 -2.34 16.21
CA SER A 236 22.14 -3.25 15.42
C SER A 236 21.44 -2.55 14.27
N SER A 237 20.92 -1.35 14.51
CA SER A 237 20.31 -0.53 13.46
C SER A 237 21.30 -0.24 12.33
N ILE A 238 22.47 0.23 12.75
CA ILE A 238 23.57 0.59 11.85
C ILE A 238 23.93 -0.60 10.94
N LEU A 239 24.07 -1.77 11.55
CA LEU A 239 24.41 -2.99 10.83
C LEU A 239 23.36 -3.38 9.77
N LEU A 240 22.09 -3.32 10.16
CA LEU A 240 20.97 -3.57 9.23
C LEU A 240 20.93 -2.55 8.10
N LEU A 241 21.05 -1.26 8.43
CA LEU A 241 21.07 -0.23 7.39
C LEU A 241 22.13 -0.48 6.33
N GLN A 242 23.31 -0.86 6.82
CA GLN A 242 24.47 -1.17 5.99
C GLN A 242 24.22 -2.39 5.08
N GLN A 243 23.44 -3.36 5.54
CA GLN A 243 23.13 -4.54 4.73
C GLN A 243 22.09 -4.22 3.65
N MET A 244 21.19 -3.30 3.98
CA MET A 244 20.14 -2.86 3.07
C MET A 244 20.67 -1.87 2.06
N LEU A 245 21.57 -0.97 2.48
CA LEU A 245 22.10 0.07 1.58
C LEU A 245 23.48 -0.28 0.99
N GLN A 246 23.55 -1.47 0.39
CA GLN A 246 24.68 -1.90 -0.40
C GLN A 246 24.39 -1.47 -1.82
N VAL A 247 25.30 -0.66 -2.37
CA VAL A 247 25.16 -0.13 -3.72
C VAL A 247 25.06 -1.28 -4.74
N ASP A 248 25.92 -2.27 -4.59
CA ASP A 248 25.88 -3.48 -5.38
C ASP A 248 24.73 -4.41 -4.88
N PRO A 249 23.67 -4.59 -5.70
CA PRO A 249 22.54 -5.42 -5.28
C PRO A 249 22.82 -6.88 -4.98
N LYS A 250 23.88 -7.46 -5.51
CA LYS A 250 24.26 -8.84 -5.17
C LYS A 250 24.72 -8.96 -3.73
N LYS A 251 25.37 -7.92 -3.22
CA LYS A 251 25.82 -7.89 -1.84
C LYS A 251 24.72 -7.44 -0.88
N ARG A 252 23.59 -6.96 -1.42
CA ARG A 252 22.48 -6.45 -0.63
C ARG A 252 21.66 -7.58 -0.02
N ILE A 253 21.30 -7.42 1.26
CA ILE A 253 20.42 -8.39 1.94
C ILE A 253 19.16 -8.64 1.09
N SER A 254 18.75 -9.90 0.98
CA SER A 254 17.56 -10.27 0.21
C SER A 254 16.31 -10.07 1.03
N MET A 255 15.17 -9.96 0.37
CA MET A 255 13.89 -9.89 1.06
C MET A 255 13.71 -11.03 2.08
N LYS A 256 14.05 -12.25 1.68
CA LYS A 256 13.90 -13.43 2.53
C LYS A 256 14.66 -13.31 3.86
N ASN A 257 15.92 -12.89 3.78
CA ASN A 257 16.77 -12.76 4.98
C ASN A 257 16.40 -11.57 5.85
N LEU A 258 15.67 -10.62 5.29
CA LEU A 258 15.11 -9.50 6.02
C LEU A 258 13.98 -9.93 6.94
N LEU A 259 13.20 -10.93 6.52
CA LEU A 259 12.05 -11.40 7.30
C LEU A 259 12.38 -11.89 8.71
N ASN A 260 13.57 -12.46 8.89
CA ASN A 260 14.00 -13.00 10.20
C ASN A 260 15.37 -12.45 10.63
N HIS A 261 15.66 -11.22 10.21
CA HIS A 261 16.90 -10.56 10.59
C HIS A 261 16.86 -10.30 12.09
N PRO A 262 18.02 -10.42 12.80
CA PRO A 262 18.03 -10.21 14.26
C PRO A 262 17.35 -8.92 14.72
N TRP A 263 17.66 -7.80 14.05
CA TRP A 263 17.00 -6.50 14.32
C TRP A 263 15.47 -6.55 14.25
N ILE A 264 14.95 -7.11 13.18
CA ILE A 264 13.52 -7.30 12.96
C ILE A 264 12.88 -8.15 14.08
N MET A 265 13.61 -9.15 14.54
CA MET A 265 13.13 -10.09 15.58
C MET A 265 13.18 -9.52 17.00
N GLN A 266 14.08 -8.57 17.27
CA GLN A 266 14.22 -8.02 18.62
C GLN A 266 12.84 -7.66 19.19
N ASP A 267 12.55 -8.19 20.38
CA ASP A 267 11.31 -7.94 21.12
C ASP A 267 10.01 -8.51 20.48
N TYR A 268 10.15 -9.30 19.42
CA TYR A 268 9.07 -10.09 18.87
C TYR A 268 9.36 -11.57 19.03
N ASN A 269 10.55 -11.98 18.58
CA ASN A 269 11.04 -13.34 18.61
C ASN A 269 10.32 -14.26 17.61
N TYR A 270 9.69 -13.68 16.60
CA TYR A 270 9.21 -14.45 15.44
C TYR A 270 9.38 -13.59 14.20
N PRO A 271 9.56 -14.23 13.01
CA PRO A 271 9.70 -13.45 11.77
C PRO A 271 8.45 -12.70 11.37
N VAL A 272 8.63 -11.75 10.48
CA VAL A 272 7.53 -10.99 9.90
C VAL A 272 6.52 -11.95 9.27
N GLU A 273 5.27 -11.83 9.71
CA GLU A 273 4.15 -12.52 9.11
C GLU A 273 3.70 -11.78 7.87
N TRP A 274 4.16 -12.28 6.73
CA TRP A 274 4.00 -11.63 5.45
C TRP A 274 2.88 -12.23 4.61
N GLN A 275 2.51 -13.47 4.88
CA GLN A 275 1.44 -14.10 4.09
C GLN A 275 0.09 -13.41 4.30
N SER A 276 -0.70 -13.38 3.23
CA SER A 276 -1.97 -12.64 3.23
C SER A 276 -2.98 -13.35 4.06
N LYS A 277 -3.70 -12.59 4.88
CA LYS A 277 -4.85 -13.06 5.64
C LYS A 277 -6.15 -12.65 4.96
N ASN A 278 -6.08 -11.97 3.79
CA ASN A 278 -7.26 -11.49 3.05
C ASN A 278 -7.39 -12.29 1.74
N PRO A 279 -8.15 -13.41 1.76
CA PRO A 279 -8.05 -14.33 0.62
C PRO A 279 -8.92 -13.97 -0.63
N PHE A 280 -8.56 -14.55 -1.77
CA PHE A 280 -9.42 -14.65 -2.95
C PHE A 280 -10.27 -15.94 -2.90
N ILE A 281 -9.67 -17.05 -2.45
CA ILE A 281 -10.33 -18.37 -2.52
C ILE A 281 -11.40 -18.59 -1.43
N HIS A 282 -11.09 -18.40 -0.15
CA HIS A 282 -12.08 -18.58 0.91
C HIS A 282 -13.02 -17.37 0.99
N LEU A 283 -14.30 -17.65 1.18
CA LEU A 283 -15.35 -16.64 1.31
C LEU A 283 -15.98 -16.72 2.71
N ASP A 284 -16.32 -15.57 3.26
CA ASP A 284 -16.99 -15.50 4.56
C ASP A 284 -18.48 -15.87 4.44
N ASP A 285 -18.88 -16.91 5.17
CA ASP A 285 -20.24 -17.44 5.10
C ASP A 285 -21.34 -16.43 5.43
N ASP A 286 -21.10 -15.53 6.38
CA ASP A 286 -22.13 -14.54 6.75
C ASP A 286 -22.36 -13.47 5.68
N CYS A 287 -21.28 -13.00 5.07
CA CYS A 287 -21.37 -12.04 3.96
C CYS A 287 -22.07 -12.64 2.73
N VAL A 288 -21.81 -13.91 2.44
CA VAL A 288 -22.48 -14.63 1.36
C VAL A 288 -23.98 -14.79 1.65
N THR A 289 -24.33 -15.14 2.89
CA THR A 289 -25.74 -15.27 3.28
C THR A 289 -26.50 -13.97 3.03
N GLU A 290 -25.91 -12.86 3.43
CA GLU A 290 -26.58 -11.57 3.34
C GLU A 290 -26.72 -11.14 1.89
N LEU A 291 -25.70 -11.41 1.06
CA LEU A 291 -25.80 -11.12 -0.37
C LEU A 291 -26.83 -12.01 -1.08
N SER A 292 -26.93 -13.29 -0.65
CA SER A 292 -27.93 -14.27 -1.12
C SER A 292 -29.37 -13.80 -0.96
N VAL A 293 -29.71 -13.29 0.23
CA VAL A 293 -31.06 -12.74 0.44
C VAL A 293 -31.32 -11.53 -0.44
N HIS A 294 -30.32 -10.64 -0.62
CA HIS A 294 -30.50 -9.48 -1.49
C HIS A 294 -30.75 -9.92 -2.95
N HIS A 295 -29.96 -10.90 -3.41
CA HIS A 295 -30.05 -11.40 -4.77
C HIS A 295 -31.17 -12.46 -5.01
N ARG A 296 -31.76 -12.97 -3.91
CA ARG A 296 -32.77 -14.04 -3.93
C ARG A 296 -32.20 -15.23 -4.67
N ASN A 297 -31.06 -15.63 -4.15
CA ASN A 297 -30.08 -16.46 -4.80
C ASN A 297 -29.95 -17.71 -3.96
N ASN A 298 -29.39 -18.77 -4.52
CA ASN A 298 -28.86 -19.89 -3.73
C ASN A 298 -27.42 -19.58 -3.34
N ARG A 299 -26.99 -20.18 -2.23
CA ARG A 299 -25.64 -19.95 -1.67
C ARG A 299 -24.55 -20.21 -2.70
N GLN A 300 -24.62 -21.36 -3.36
CA GLN A 300 -23.57 -21.79 -4.28
C GLN A 300 -23.45 -20.85 -5.48
N THR A 301 -24.58 -20.33 -5.94
CA THR A 301 -24.55 -19.42 -7.10
C THR A 301 -24.07 -18.01 -6.70
N MET A 302 -24.37 -17.59 -5.46
CA MET A 302 -23.89 -16.31 -4.93
C MET A 302 -22.37 -16.33 -4.76
N GLU A 303 -21.86 -17.47 -4.27
CA GLU A 303 -20.43 -17.75 -4.20
C GLU A 303 -19.71 -17.65 -5.55
N ASP A 304 -20.24 -18.35 -6.55
CA ASP A 304 -19.64 -18.33 -7.90
C ASP A 304 -19.59 -16.92 -8.46
N LEU A 305 -20.64 -16.14 -8.20
CA LEU A 305 -20.77 -14.78 -8.70
C LEU A 305 -19.71 -13.87 -8.04
N ILE A 306 -19.56 -13.98 -6.71
CA ILE A 306 -18.59 -13.18 -5.97
C ILE A 306 -17.16 -13.54 -6.37
N SER A 307 -16.93 -14.83 -6.62
CA SER A 307 -15.60 -15.35 -6.89
C SER A 307 -15.08 -15.05 -8.31
N LEU A 308 -15.92 -14.49 -9.17
CA LEU A 308 -15.42 -13.89 -10.41
C LEU A 308 -14.62 -12.61 -10.14
N TRP A 309 -14.76 -11.98 -8.96
CA TRP A 309 -13.98 -10.78 -8.59
C TRP A 309 -13.84 -9.75 -9.73
N GLN A 310 -14.97 -9.23 -10.22
CA GLN A 310 -14.94 -8.29 -11.33
C GLN A 310 -14.61 -6.84 -10.95
N TYR A 311 -14.57 -6.54 -9.65
CA TYR A 311 -14.37 -5.18 -9.13
C TYR A 311 -15.48 -4.25 -9.63
N ASP A 312 -16.68 -4.81 -9.61
CA ASP A 312 -17.92 -4.10 -9.89
C ASP A 312 -18.55 -3.82 -8.51
N HIS A 313 -19.83 -3.48 -8.48
CA HIS A 313 -20.50 -3.18 -7.22
C HIS A 313 -20.62 -4.40 -6.30
N LEU A 314 -20.68 -5.60 -6.86
CA LEU A 314 -20.72 -6.81 -6.04
C LEU A 314 -19.44 -6.98 -5.21
N THR A 315 -18.29 -7.02 -5.90
CA THR A 315 -16.98 -7.05 -5.25
C THR A 315 -16.93 -6.03 -4.11
N ALA A 316 -17.35 -4.80 -4.38
CA ALA A 316 -17.26 -3.70 -3.44
C ALA A 316 -18.13 -3.94 -2.21
N THR A 317 -19.37 -4.36 -2.46
CA THR A 317 -20.33 -4.62 -1.40
C THR A 317 -19.90 -5.81 -0.57
N TYR A 318 -19.40 -6.86 -1.22
CA TYR A 318 -18.89 -8.02 -0.48
C TYR A 318 -17.70 -7.68 0.44
N LEU A 319 -16.70 -7.01 -0.11
CA LEU A 319 -15.51 -6.64 0.65
C LEU A 319 -15.79 -5.60 1.75
N LEU A 320 -16.71 -4.68 1.48
CA LEU A 320 -17.09 -3.73 2.52
C LEU A 320 -17.93 -4.35 3.62
N LEU A 321 -18.70 -5.41 3.31
CA LEU A 321 -19.41 -6.17 4.35
C LEU A 321 -18.42 -6.89 5.25
N LEU A 322 -17.40 -7.50 4.62
CA LEU A 322 -16.31 -8.12 5.39
C LEU A 322 -15.64 -7.12 6.33
N ALA A 323 -15.31 -5.94 5.83
CA ALA A 323 -14.73 -4.87 6.66
C ALA A 323 -15.66 -4.45 7.78
N LYS A 324 -16.96 -4.44 7.52
CA LYS A 324 -17.95 -4.19 8.55
C LYS A 324 -17.85 -5.28 9.61
N LYS A 325 -17.83 -6.54 9.18
CA LYS A 325 -17.67 -7.64 10.12
C LYS A 325 -16.39 -7.51 10.93
N ALA A 326 -15.29 -7.14 10.27
CA ALA A 326 -13.97 -7.03 10.92
C ALA A 326 -13.92 -5.94 12.01
N ARG A 327 -14.74 -4.92 11.86
CA ARG A 327 -14.91 -3.87 12.86
C ARG A 327 -15.91 -4.20 13.98
N GLY A 328 -16.35 -5.44 14.09
CA GLY A 328 -17.38 -5.81 15.06
C GLY A 328 -18.73 -5.16 14.85
N LYS A 329 -19.12 -4.92 13.59
CA LYS A 329 -20.45 -4.45 13.26
C LYS A 329 -21.26 -5.56 12.57
N PRO A 330 -22.60 -5.51 12.65
CA PRO A 330 -23.43 -6.57 12.07
C PRO A 330 -23.31 -6.65 10.55
N VAL A 331 -23.22 -7.86 10.00
CA VAL A 331 -23.14 -8.03 8.55
C VAL A 331 -24.54 -7.81 7.99
N ARG A 332 -24.85 -6.56 7.64
CA ARG A 332 -26.18 -6.14 7.22
C ARG A 332 -26.11 -5.09 6.12
N LEU A 333 -26.86 -5.32 5.04
CA LEU A 333 -27.06 -4.30 4.02
C LEU A 333 -28.16 -3.32 4.44
N ARG A 334 -27.99 -2.04 4.16
CA ARG A 334 -29.08 -1.08 4.33
C ARG A 334 -29.85 -1.00 3.02
N LEU A 335 -30.92 -1.80 2.94
CA LEU A 335 -31.70 -1.94 1.71
C LEU A 335 -32.71 -0.81 1.41
N SER A 336 -32.60 0.32 2.11
CA SER A 336 -33.22 1.57 1.68
C SER A 336 -32.45 2.78 2.20
#